data_1OE6
#
_entry.id   1OE6
#
_cell.length_a   120.969
_cell.length_b   86.518
_cell.length_c   78.456
_cell.angle_alpha   90.00
_cell.angle_beta   118.53
_cell.angle_gamma   90.00
#
_symmetry.space_group_name_H-M   'C 1 2 1'
#
loop_
_entity.id
_entity.type
_entity.pdbx_description
1 polymer 'SINGLE-STRAND SELECTIVE MONOFUNCTIONAL URACIL DNA GLYCOSYLASE'
2 polymer "5'-D(*CP*CP*CP*GP*TP*GP*AP*GP*TP*CP*CP*G)-3'"
3 polymer "5'-D(*CP*GP*GP*AP*CP*TP*3DRP*AP*CP*GP*GP*G)-3'"
4 non-polymer '5-HYDROXYMETHYL URACIL'
5 non-polymer GLYCEROL
6 non-polymer 'ISOPROPYL ALCOHOL'
7 water water
#
loop_
_entity_poly.entity_id
_entity_poly.type
_entity_poly.pdbx_seq_one_letter_code
_entity_poly.pdbx_strand_id
1 'polypeptide(L)'
;TESPADSFLKVELELNLKLSNLVFQDPVQYVYNPLVYAWAPHENYVQTYCKSKKEVLFLGMNPGPFGMAQTGVPFGEVNH
VRDWLQIEGPVSKPEVEHPKRRIRGFECPQSEVSGARFWSLFKSLCGQPETFFKHCFVHNHCPLIFMNHSGKNLTPTDLP
KAQRDTLLEICDEALCQAVRVLGVKLVIGVGRFSEQRARKALMAEGIDVTVKGIMHPSPRNPQANKGWEGIVRGQLLELG
VLSLLTG
;
A,B
2 'polydeoxyribonucleotide' (DC)(DC)(DC)(DG)(DT)(DG)(DA)(DG)(DT)(DC)(DC)(DG) E
3 'polydeoxyribonucleotide' (DC)(DG)(DG)(DA)(DC)(DT)(3DR)(DA)(DC)(DG)(DG)(DG) F
#
loop_
_chem_comp.id
_chem_comp.type
_chem_comp.name
_chem_comp.formula
3DR DNA linking 1',2'-DIDEOXYRIBOFURANOSE-5'-PHOSPHATE 'C5 H11 O6 P'
DA DNA linking 2'-DEOXYADENOSINE-5'-MONOPHOSPHATE 'C10 H14 N5 O6 P'
DC DNA linking 2'-DEOXYCYTIDINE-5'-MONOPHOSPHATE 'C9 H14 N3 O7 P'
DG DNA linking 2'-DEOXYGUANOSINE-5'-MONOPHOSPHATE 'C10 H14 N5 O7 P'
DT DNA linking THYMIDINE-5'-MONOPHOSPHATE 'C10 H15 N2 O8 P'
GOL non-polymer GLYCEROL 'C3 H8 O3'
HMU non-polymer '5-HYDROXYMETHYL URACIL' 'C5 H6 N2 O3'
IPA non-polymer 'ISOPROPYL ALCOHOL' 'C3 H8 O'
#
# COMPACT_ATOMS: atom_id res chain seq x y z
N SER A 3 21.15 5.11 -25.24
CA SER A 3 19.64 5.34 -24.85
C SER A 3 19.14 6.64 -25.41
N PRO A 4 17.86 6.91 -25.27
CA PRO A 4 16.95 6.37 -24.32
C PRO A 4 16.53 4.92 -24.43
N ALA A 5 16.91 4.16 -25.44
CA ALA A 5 16.58 2.75 -25.44
C ALA A 5 17.01 2.08 -24.21
N ASP A 6 18.24 2.24 -23.81
CA ASP A 6 18.72 1.53 -22.58
C ASP A 6 18.20 2.04 -21.19
N SER A 7 18.02 3.33 -21.12
CA SER A 7 17.41 3.83 -19.94
C SER A 7 15.94 3.45 -19.86
N PHE A 8 15.22 3.56 -20.99
CA PHE A 8 13.80 3.17 -21.03
C PHE A 8 13.66 1.73 -20.56
N LEU A 9 14.48 0.84 -21.03
CA LEU A 9 14.41 -0.51 -20.52
C LEU A 9 14.71 -0.78 -19.01
N LYS A 10 15.71 -0.07 -18.49
CA LYS A 10 16.03 -0.07 -17.11
C LYS A 10 14.80 0.36 -16.37
N VAL A 11 14.15 1.43 -16.77
CA VAL A 11 12.89 1.83 -16.12
C VAL A 11 11.95 0.78 -16.19
N GLU A 12 11.84 0.06 -17.33
CA GLU A 12 10.80 -1.02 -17.24
C GLU A 12 11.14 -2.18 -16.42
N LEU A 13 12.43 -2.57 -16.40
CA LEU A 13 12.89 -3.70 -15.52
C LEU A 13 12.83 -3.25 -13.99
N GLU A 14 13.03 -1.99 -13.63
CA GLU A 14 12.79 -1.63 -12.19
C GLU A 14 11.32 -1.83 -11.95
N LEU A 15 10.47 -1.39 -12.86
CA LEU A 15 9.02 -1.60 -12.73
C LEU A 15 8.61 -3.06 -12.54
N ASN A 16 9.17 -4.01 -13.34
CA ASN A 16 8.70 -5.38 -13.19
C ASN A 16 8.95 -5.84 -11.72
N LEU A 17 10.14 -5.50 -11.20
CA LEU A 17 10.58 -5.89 -9.89
C LEU A 17 9.64 -5.33 -8.82
N LYS A 18 9.32 -4.04 -8.78
CA LYS A 18 8.25 -3.71 -7.90
C LYS A 18 6.93 -4.65 -8.13
N LEU A 19 6.48 -4.81 -9.37
CA LEU A 19 5.39 -5.65 -9.64
C LEU A 19 5.47 -7.14 -9.29
N SER A 20 6.60 -7.81 -9.49
CA SER A 20 6.88 -9.16 -8.97
C SER A 20 6.63 -9.27 -7.47
N ASN A 21 6.79 -8.19 -6.68
CA ASN A 21 6.35 -8.25 -5.25
C ASN A 21 4.84 -8.40 -5.01
N LEU A 22 4.04 -7.69 -5.72
CA LEU A 22 2.69 -7.59 -5.21
C LEU A 22 2.06 -8.93 -5.37
N VAL A 23 0.85 -8.98 -4.85
CA VAL A 23 0.01 -10.15 -4.88
C VAL A 23 -1.44 -9.69 -4.94
N PHE A 24 -2.24 -10.41 -5.70
CA PHE A 24 -3.58 -10.04 -6.05
C PHE A 24 -4.55 -11.04 -5.50
N GLN A 25 -5.87 -10.91 -5.63
CA GLN A 25 -6.75 -12.05 -5.39
C GLN A 25 -8.22 -11.80 -5.79
N ASP A 26 -9.12 -12.66 -5.29
CA ASP A 26 -10.41 -12.11 -4.88
C ASP A 26 -11.25 -12.50 -5.99
N PRO A 27 -11.43 -11.52 -6.95
CA PRO A 27 -11.75 -11.88 -8.36
C PRO A 27 -10.53 -12.22 -9.25
N VAL A 28 -9.34 -11.66 -8.97
CA VAL A 28 -8.19 -11.86 -9.81
C VAL A 28 -7.71 -13.23 -9.57
N GLN A 29 -7.73 -14.06 -10.62
CA GLN A 29 -7.12 -15.45 -10.42
C GLN A 29 -5.86 -15.64 -11.18
N TYR A 30 -5.74 -14.99 -12.33
CA TYR A 30 -4.52 -15.06 -13.04
C TYR A 30 -4.05 -13.66 -13.31
N VAL A 31 -2.74 -13.57 -13.45
CA VAL A 31 -2.01 -12.45 -13.77
C VAL A 31 -0.87 -12.77 -14.74
N TYR A 32 -0.82 -12.18 -15.93
CA TYR A 32 0.29 -12.34 -16.76
C TYR A 32 1.09 -11.03 -16.87
N ASN A 33 2.47 -11.17 -17.00
CA ASN A 33 3.35 -10.13 -17.36
C ASN A 33 4.18 -10.39 -18.59
N PRO A 34 3.77 -9.86 -19.73
CA PRO A 34 4.51 -10.13 -21.01
C PRO A 34 5.70 -9.40 -21.12
N LEU A 35 5.97 -8.65 -20.09
CA LEU A 35 7.39 -8.11 -20.13
C LEU A 35 8.35 -9.03 -19.54
N VAL A 36 7.90 -10.14 -18.98
CA VAL A 36 8.77 -11.26 -18.61
C VAL A 36 8.80 -12.36 -19.65
N TYR A 37 7.68 -13.04 -19.85
CA TYR A 37 7.70 -14.05 -20.92
C TYR A 37 7.84 -13.61 -22.34
N ALA A 38 7.56 -12.37 -22.58
CA ALA A 38 7.83 -11.78 -23.96
C ALA A 38 8.82 -10.66 -24.02
N TRP A 39 9.80 -10.74 -23.18
CA TRP A 39 10.89 -9.74 -23.19
C TRP A 39 11.59 -9.55 -24.44
N ALA A 40 11.84 -10.60 -25.16
CA ALA A 40 12.75 -10.39 -26.37
C ALA A 40 12.10 -9.51 -27.41
N PRO A 41 10.92 -9.88 -27.87
CA PRO A 41 10.26 -9.01 -28.89
C PRO A 41 9.94 -7.63 -28.22
N HIS A 42 9.76 -7.54 -26.91
CA HIS A 42 9.70 -6.22 -26.39
C HIS A 42 11.01 -5.39 -26.48
N GLU A 43 12.17 -6.06 -26.23
CA GLU A 43 13.37 -5.28 -26.26
C GLU A 43 13.74 -5.02 -27.73
N ASN A 44 13.38 -5.91 -28.68
CA ASN A 44 13.68 -5.61 -30.10
C ASN A 44 12.92 -4.34 -30.44
C ASN A 44 12.92 -4.34 -30.44
N TYR A 45 11.63 -4.25 -29.97
CA TYR A 45 10.73 -3.16 -30.31
C TYR A 45 11.39 -1.88 -29.86
N VAL A 46 11.73 -1.88 -28.62
CA VAL A 46 12.34 -0.70 -28.07
C VAL A 46 13.65 -0.35 -28.76
N GLN A 47 14.59 -1.27 -28.75
CA GLN A 47 15.85 -1.07 -29.54
C GLN A 47 15.58 -0.50 -30.96
N THR A 48 14.58 -0.95 -31.64
CA THR A 48 14.45 -0.59 -33.03
C THR A 48 13.88 0.81 -33.13
N TYR A 49 12.83 1.13 -32.33
CA TYR A 49 12.07 2.32 -32.52
C TYR A 49 12.23 3.40 -31.43
N CYS A 50 13.06 3.21 -30.43
CA CYS A 50 13.34 4.23 -29.47
C CYS A 50 14.84 4.60 -29.38
N LYS A 51 15.30 5.11 -30.50
CA LYS A 51 16.70 5.41 -30.81
C LYS A 51 16.98 6.89 -30.53
N SER A 52 16.04 7.72 -30.39
CA SER A 52 16.40 9.11 -30.13
C SER A 52 15.40 9.61 -29.11
N LYS A 53 15.47 10.83 -28.64
CA LYS A 53 14.46 11.41 -27.75
C LYS A 53 13.24 11.53 -28.60
N LYS A 54 12.10 11.72 -27.95
CA LYS A 54 10.75 11.89 -28.58
C LYS A 54 9.86 13.15 -28.16
N GLU A 55 9.02 13.58 -29.04
CA GLU A 55 8.13 14.65 -28.75
C GLU A 55 6.82 14.03 -28.22
N VAL A 56 6.24 12.96 -28.85
CA VAL A 56 4.90 12.41 -28.45
C VAL A 56 4.93 10.98 -27.94
N LEU A 57 4.04 10.74 -26.99
CA LEU A 57 4.02 9.46 -26.30
C LEU A 57 2.64 8.94 -26.37
N PHE A 58 2.30 8.04 -27.21
CA PHE A 58 1.01 7.54 -27.07
C PHE A 58 0.95 6.58 -25.88
N LEU A 59 -0.06 6.66 -25.01
CA LEU A 59 -0.13 5.75 -23.78
C LEU A 59 -1.36 4.98 -23.61
N GLY A 60 -1.30 3.68 -23.69
CA GLY A 60 -2.52 2.92 -23.58
C GLY A 60 -2.65 2.54 -22.09
N MET A 61 -3.57 1.75 -21.73
CA MET A 61 -3.83 1.42 -20.34
C MET A 61 -3.11 0.17 -19.99
N ASN A 62 -3.40 -0.95 -20.61
CA ASN A 62 -2.73 -2.18 -20.38
C ASN A 62 -2.97 -3.16 -21.51
N PRO A 63 -2.27 -4.31 -21.52
CA PRO A 63 -2.39 -5.26 -22.58
C PRO A 63 -3.72 -5.93 -22.68
N GLY A 64 -4.01 -6.22 -23.95
CA GLY A 64 -5.11 -7.13 -24.08
C GLY A 64 -4.63 -8.55 -24.35
N PRO A 65 -5.54 -9.42 -24.17
CA PRO A 65 -5.31 -10.79 -24.12
C PRO A 65 -4.77 -11.34 -25.46
N PHE A 66 -5.07 -10.71 -26.57
CA PHE A 66 -4.47 -11.16 -27.83
C PHE A 66 -3.52 -10.19 -28.57
N GLY A 67 -3.02 -9.13 -27.94
CA GLY A 67 -2.12 -8.18 -28.67
C GLY A 67 -0.82 -8.21 -27.88
N MET A 68 -0.57 -7.22 -27.03
CA MET A 68 0.62 -7.25 -26.22
C MET A 68 0.74 -8.50 -25.37
N ALA A 69 -0.35 -9.00 -24.80
CA ALA A 69 -0.13 -10.29 -24.11
C ALA A 69 0.55 -11.36 -24.83
N GLN A 70 0.47 -11.36 -26.18
CA GLN A 70 1.11 -12.28 -27.08
C GLN A 70 2.42 -11.75 -27.67
N THR A 71 2.60 -10.44 -28.00
CA THR A 71 3.75 -10.09 -28.78
C THR A 71 4.78 -9.28 -27.93
N GLY A 72 4.36 -8.91 -26.72
CA GLY A 72 5.02 -7.82 -25.98
C GLY A 72 5.23 -6.46 -26.64
N VAL A 73 4.45 -6.06 -27.61
CA VAL A 73 4.45 -4.75 -28.10
C VAL A 73 3.05 -4.11 -27.74
N PRO A 74 3.08 -2.83 -27.45
CA PRO A 74 1.94 -2.11 -27.02
C PRO A 74 1.04 -2.07 -28.19
N PHE A 75 -0.23 -2.19 -27.97
CA PHE A 75 -1.19 -2.55 -28.99
C PHE A 75 -0.81 -3.57 -30.01
N GLY A 76 -0.07 -4.58 -29.59
CA GLY A 76 0.63 -5.48 -30.50
C GLY A 76 -0.10 -6.65 -31.14
N GLU A 77 -1.07 -6.35 -31.99
CA GLU A 77 -1.75 -7.23 -32.87
C GLU A 77 -0.76 -7.88 -33.70
N VAL A 78 -0.92 -9.20 -33.91
CA VAL A 78 0.17 -9.97 -34.49
C VAL A 78 0.42 -9.68 -35.95
N ASN A 79 -0.62 -9.47 -36.77
CA ASN A 79 -0.22 -9.11 -38.12
C ASN A 79 0.44 -7.84 -38.31
N HIS A 80 0.01 -6.78 -37.59
CA HIS A 80 0.70 -5.50 -37.85
C HIS A 80 2.08 -5.48 -37.26
N VAL A 81 2.33 -6.24 -36.24
CA VAL A 81 3.62 -6.30 -35.54
C VAL A 81 4.54 -7.00 -36.40
N ARG A 82 4.21 -8.23 -36.80
CA ARG A 82 5.11 -8.93 -37.76
C ARG A 82 5.33 -8.24 -39.12
N ASP A 83 4.30 -7.62 -39.67
CA ASP A 83 4.36 -7.20 -41.02
C ASP A 83 4.73 -5.75 -41.12
N TRP A 84 4.26 -4.84 -40.30
CA TRP A 84 4.66 -3.48 -40.54
C TRP A 84 5.77 -3.09 -39.67
N LEU A 85 5.68 -3.39 -38.39
CA LEU A 85 6.76 -3.04 -37.48
C LEU A 85 7.99 -3.93 -37.60
N GLN A 86 7.70 -5.16 -37.97
CA GLN A 86 8.73 -6.16 -38.24
C GLN A 86 9.55 -6.54 -37.02
N ILE A 87 8.83 -7.03 -36.01
CA ILE A 87 9.39 -7.50 -34.78
C ILE A 87 9.01 -8.91 -34.61
N GLU A 88 9.84 -9.80 -34.29
CA GLU A 88 9.44 -11.19 -34.08
C GLU A 88 10.40 -11.45 -32.97
N GLY A 89 10.24 -12.55 -32.30
CA GLY A 89 11.11 -12.82 -31.13
C GLY A 89 10.50 -14.09 -30.46
N PRO A 90 11.32 -14.84 -29.76
CA PRO A 90 10.76 -16.00 -29.04
C PRO A 90 9.87 -15.43 -27.92
N VAL A 91 8.80 -16.13 -27.66
CA VAL A 91 7.92 -15.79 -26.63
C VAL A 91 7.79 -17.11 -25.86
N SER A 92 8.02 -17.03 -24.56
CA SER A 92 7.75 -18.13 -23.66
C SER A 92 6.30 -18.00 -23.02
N LYS A 93 6.09 -18.40 -21.84
CA LYS A 93 4.72 -18.51 -21.37
C LYS A 93 4.60 -18.13 -19.89
N PRO A 94 3.46 -17.64 -19.45
CA PRO A 94 3.31 -17.28 -18.01
C PRO A 94 3.37 -18.65 -17.24
N GLU A 95 3.87 -18.59 -16.03
CA GLU A 95 3.91 -19.76 -15.07
C GLU A 95 2.56 -20.54 -14.94
N VAL A 96 1.49 -19.77 -14.75
CA VAL A 96 0.14 -20.33 -14.65
C VAL A 96 -0.79 -19.73 -15.71
N GLU A 97 -1.15 -20.52 -16.69
CA GLU A 97 -2.12 -20.07 -17.68
C GLU A 97 -3.50 -20.54 -17.41
N HIS A 98 -4.45 -19.63 -17.49
CA HIS A 98 -5.85 -19.93 -17.64
C HIS A 98 -5.98 -20.70 -18.92
N PRO A 99 -6.72 -21.78 -18.93
CA PRO A 99 -6.78 -22.67 -20.15
C PRO A 99 -7.39 -22.13 -21.45
N LYS A 100 -8.22 -21.14 -21.28
CA LYS A 100 -8.83 -20.61 -22.44
C LYS A 100 -8.12 -19.34 -22.89
N ARG A 101 -6.96 -19.04 -22.29
CA ARG A 101 -6.08 -17.90 -22.60
C ARG A 101 -4.62 -18.27 -22.52
N ARG A 102 -4.30 -19.37 -23.17
CA ARG A 102 -2.95 -19.79 -23.31
C ARG A 102 -2.20 -18.87 -24.24
N ILE A 103 -0.99 -18.57 -23.93
CA ILE A 103 -0.18 -17.77 -24.72
C ILE A 103 0.53 -18.49 -25.79
N ARG A 104 0.36 -18.05 -26.98
CA ARG A 104 0.94 -18.67 -28.11
C ARG A 104 1.75 -17.72 -28.93
N GLY A 105 2.07 -16.48 -28.47
CA GLY A 105 3.03 -15.60 -29.19
C GLY A 105 2.54 -15.22 -30.59
N PHE A 106 3.42 -15.38 -31.57
CA PHE A 106 3.26 -14.98 -32.96
C PHE A 106 2.53 -15.98 -33.62
N GLU A 107 2.04 -16.98 -32.89
CA GLU A 107 1.02 -17.98 -33.39
C GLU A 107 -0.40 -17.83 -33.01
N CYS A 108 -0.64 -16.95 -32.08
CA CYS A 108 -2.00 -16.52 -31.81
C CYS A 108 -2.91 -16.39 -33.09
N PRO A 109 -3.97 -17.20 -33.22
CA PRO A 109 -4.83 -17.11 -34.44
C PRO A 109 -5.74 -15.87 -34.33
N GLN A 110 -6.08 -15.44 -33.07
CA GLN A 110 -6.93 -14.21 -32.80
C GLN A 110 -6.23 -12.89 -33.21
N SER A 111 -7.04 -12.01 -33.77
CA SER A 111 -6.60 -10.65 -33.95
C SER A 111 -7.23 -9.61 -32.92
N GLU A 112 -6.43 -8.83 -32.19
CA GLU A 112 -6.93 -7.84 -31.27
C GLU A 112 -7.43 -6.65 -32.25
N VAL A 113 -8.68 -6.32 -32.15
CA VAL A 113 -9.34 -5.24 -32.82
C VAL A 113 -8.77 -3.91 -32.44
N SER A 114 -8.60 -3.66 -31.18
CA SER A 114 -7.81 -2.48 -30.87
C SER A 114 -6.50 -2.26 -31.48
N GLY A 115 -5.66 -3.24 -31.39
CA GLY A 115 -4.30 -3.10 -31.93
C GLY A 115 -4.32 -3.04 -33.39
N ALA A 116 -5.29 -3.78 -33.96
CA ALA A 116 -5.35 -3.71 -35.37
C ALA A 116 -5.70 -2.30 -35.84
N ARG A 117 -6.64 -1.66 -35.09
CA ARG A 117 -7.10 -0.29 -35.54
C ARG A 117 -6.02 0.71 -35.36
N PHE A 118 -5.35 0.58 -34.20
CA PHE A 118 -4.43 1.49 -33.86
C PHE A 118 -3.25 1.39 -34.78
N TRP A 119 -2.67 0.19 -35.02
CA TRP A 119 -1.46 0.25 -35.92
C TRP A 119 -1.75 0.57 -37.41
N SER A 120 -2.97 0.17 -37.83
CA SER A 120 -3.42 0.40 -39.17
C SER A 120 -3.53 1.93 -39.42
N LEU A 121 -3.99 2.65 -38.41
CA LEU A 121 -4.15 4.02 -38.60
C LEU A 121 -2.80 4.58 -38.89
N PHE A 122 -1.84 4.26 -38.03
CA PHE A 122 -0.60 4.93 -38.21
C PHE A 122 0.08 4.44 -39.55
N LYS A 123 -0.11 3.17 -39.93
CA LYS A 123 0.43 2.68 -41.23
C LYS A 123 -0.03 3.51 -42.41
N SER A 124 -1.24 4.02 -42.34
CA SER A 124 -1.87 4.63 -43.45
C SER A 124 -1.48 6.01 -43.40
N LEU A 125 -1.54 6.66 -42.26
CA LEU A 125 -0.88 7.89 -42.07
C LEU A 125 0.56 8.03 -42.42
N CYS A 126 1.44 7.12 -42.07
CA CYS A 126 2.85 7.45 -42.08
C CYS A 126 3.59 6.59 -43.07
N GLY A 127 2.94 5.59 -43.65
CA GLY A 127 3.61 4.54 -44.39
C GLY A 127 4.59 3.50 -43.97
N GLN A 128 5.71 3.95 -43.41
CA GLN A 128 6.82 3.19 -43.01
C GLN A 128 7.01 3.58 -41.51
N PRO A 129 7.26 2.60 -40.69
CA PRO A 129 7.35 2.89 -39.31
C PRO A 129 8.36 3.92 -38.91
N GLU A 130 9.55 3.89 -39.42
CA GLU A 130 10.61 4.95 -39.13
C GLU A 130 10.00 6.36 -39.12
N THR A 131 9.02 6.58 -39.95
CA THR A 131 8.39 7.80 -39.94
C THR A 131 7.52 8.09 -38.78
N PHE A 132 6.75 7.10 -38.34
CA PHE A 132 5.92 7.17 -37.14
C PHE A 132 6.88 7.41 -35.96
N PHE A 133 7.93 6.62 -35.93
CA PHE A 133 8.78 6.71 -34.74
C PHE A 133 9.90 7.73 -34.91
N LYS A 134 9.99 8.56 -35.98
CA LYS A 134 10.94 9.68 -35.96
C LYS A 134 10.76 10.47 -34.68
N HIS A 135 9.53 10.95 -34.41
CA HIS A 135 9.24 11.66 -33.14
C HIS A 135 8.24 11.04 -32.12
N CYS A 136 7.65 9.87 -32.37
CA CYS A 136 6.74 9.24 -31.46
C CYS A 136 7.16 7.95 -30.87
N PHE A 137 6.55 7.58 -29.81
CA PHE A 137 6.66 6.26 -29.34
C PHE A 137 5.34 5.78 -28.68
N VAL A 138 5.26 4.48 -28.25
CA VAL A 138 4.00 3.97 -27.69
C VAL A 138 4.32 3.13 -26.57
N HIS A 139 3.51 3.16 -25.59
CA HIS A 139 3.80 2.43 -24.30
C HIS A 139 2.48 2.36 -23.54
N ASN A 140 2.41 1.43 -22.65
CA ASN A 140 1.26 1.30 -21.74
C ASN A 140 1.60 1.66 -20.27
N HIS A 141 0.58 2.14 -19.60
CA HIS A 141 0.74 2.64 -18.26
C HIS A 141 1.10 1.38 -17.40
N CYS A 142 0.46 0.25 -17.67
CA CYS A 142 0.60 -0.86 -16.86
C CYS A 142 0.91 -2.04 -17.75
N PRO A 143 1.93 -2.80 -17.48
CA PRO A 143 2.17 -4.01 -18.26
C PRO A 143 1.51 -5.36 -17.86
N LEU A 144 0.82 -5.43 -16.78
CA LEU A 144 0.23 -6.76 -16.40
C LEU A 144 -1.12 -6.99 -17.01
N ILE A 145 -1.50 -8.24 -17.18
CA ILE A 145 -2.90 -8.49 -17.51
C ILE A 145 -3.48 -9.44 -16.57
N PHE A 146 -4.80 -9.21 -16.36
CA PHE A 146 -5.55 -9.91 -15.35
C PHE A 146 -6.75 -10.71 -15.90
N MET A 147 -6.85 -12.00 -15.52
CA MET A 147 -8.14 -12.61 -15.63
C MET A 147 -8.84 -13.02 -14.32
N ASN A 148 -10.13 -13.34 -14.55
CA ASN A 148 -11.00 -13.94 -13.47
C ASN A 148 -11.18 -15.43 -13.71
N HIS A 149 -11.79 -16.16 -12.77
CA HIS A 149 -11.75 -17.66 -12.77
C HIS A 149 -12.15 -18.20 -14.24
N SER A 150 -13.22 -17.60 -14.82
CA SER A 150 -13.73 -17.93 -16.10
C SER A 150 -12.79 -17.50 -17.24
N GLY A 151 -11.72 -16.77 -16.92
CA GLY A 151 -10.78 -16.22 -17.89
C GLY A 151 -11.18 -14.91 -18.56
N LYS A 152 -12.27 -14.34 -18.11
CA LYS A 152 -12.64 -13.00 -18.68
C LYS A 152 -11.54 -11.90 -18.22
N ASN A 153 -11.25 -10.92 -19.09
CA ASN A 153 -10.26 -9.90 -18.80
C ASN A 153 -10.71 -8.92 -17.79
N LEU A 154 -9.91 -8.60 -16.78
CA LEU A 154 -10.15 -7.47 -15.85
C LEU A 154 -9.20 -6.39 -16.13
N THR A 155 -9.73 -5.20 -16.47
CA THR A 155 -8.81 -4.05 -16.50
C THR A 155 -8.46 -3.47 -15.17
N PRO A 156 -7.48 -2.58 -15.15
CA PRO A 156 -7.12 -2.04 -13.83
C PRO A 156 -8.36 -1.36 -13.21
N THR A 157 -9.22 -0.82 -14.07
CA THR A 157 -10.48 -0.29 -13.59
C THR A 157 -11.47 -1.30 -13.06
N ASP A 158 -11.55 -2.50 -13.63
CA ASP A 158 -12.37 -3.51 -13.00
C ASP A 158 -11.82 -4.04 -11.70
N LEU A 159 -10.72 -3.54 -11.19
CA LEU A 159 -10.16 -4.28 -10.02
C LEU A 159 -10.79 -3.70 -8.65
N PRO A 160 -10.85 -4.45 -7.54
CA PRO A 160 -11.30 -3.82 -6.30
C PRO A 160 -10.33 -2.66 -6.11
N LYS A 161 -10.76 -1.51 -5.60
CA LYS A 161 -9.93 -0.39 -5.10
C LYS A 161 -8.65 -0.69 -4.43
N ALA A 162 -8.61 -1.58 -3.44
CA ALA A 162 -7.35 -1.71 -2.72
C ALA A 162 -6.28 -2.29 -3.60
N GLN A 163 -6.65 -3.19 -4.48
CA GLN A 163 -5.61 -3.84 -5.36
C GLN A 163 -5.11 -2.85 -6.44
N ARG A 164 -6.08 -2.05 -6.85
CA ARG A 164 -5.91 -1.09 -7.96
C ARG A 164 -5.00 0.11 -7.58
N ASP A 165 -5.13 0.64 -6.34
CA ASP A 165 -4.42 1.84 -5.96
C ASP A 165 -2.92 1.56 -5.78
N THR A 166 -2.65 0.36 -5.30
CA THR A 166 -1.30 -0.02 -5.03
C THR A 166 -0.65 -0.06 -6.37
N LEU A 167 -1.22 -0.82 -7.33
CA LEU A 167 -0.64 -0.97 -8.69
C LEU A 167 -0.43 0.30 -9.42
N LEU A 168 -1.49 1.09 -9.39
CA LEU A 168 -1.49 2.33 -10.18
C LEU A 168 -0.56 3.34 -9.65
N GLU A 169 -0.19 3.27 -8.36
CA GLU A 169 0.64 4.23 -7.83
C GLU A 169 1.95 3.69 -8.11
N ILE A 170 2.28 2.39 -8.07
CA ILE A 170 3.56 1.83 -8.65
C ILE A 170 3.66 2.12 -10.21
N CYS A 171 2.52 2.27 -10.98
CA CYS A 171 2.63 2.59 -12.41
C CYS A 171 2.83 4.01 -12.87
N ASP A 172 2.07 5.05 -12.31
CA ASP A 172 2.57 6.56 -12.22
C ASP A 172 4.16 7.01 -12.18
N GLU A 173 5.03 6.69 -11.17
CA GLU A 173 6.62 6.77 -10.81
C GLU A 173 7.21 6.38 -12.13
N ALA A 174 7.23 5.06 -12.44
CA ALA A 174 7.46 4.61 -13.85
C ALA A 174 7.02 5.49 -14.97
N LEU A 175 5.76 5.83 -15.07
CA LEU A 175 5.40 6.78 -16.09
C LEU A 175 6.28 8.10 -16.10
N CYS A 176 6.39 8.76 -14.95
CA CYS A 176 7.32 9.91 -14.71
C CYS A 176 8.70 9.59 -15.09
N GLN A 177 9.26 8.50 -14.65
CA GLN A 177 10.63 8.20 -14.96
C GLN A 177 10.75 8.07 -16.51
N ALA A 178 9.69 7.53 -17.13
CA ALA A 178 9.73 7.17 -18.56
C ALA A 178 9.72 8.43 -19.33
N VAL A 179 8.88 9.36 -18.93
CA VAL A 179 8.64 10.62 -19.65
C VAL A 179 9.92 11.53 -19.49
N ARG A 180 10.47 11.64 -18.31
CA ARG A 180 11.82 12.20 -18.12
C ARG A 180 12.80 11.39 -18.94
N VAL A 181 12.92 10.03 -18.90
CA VAL A 181 13.85 9.51 -19.96
C VAL A 181 13.64 9.78 -21.43
N LEU A 182 12.47 9.74 -21.99
CA LEU A 182 12.35 10.03 -23.45
C LEU A 182 12.34 11.48 -23.86
N GLY A 183 12.23 12.46 -22.94
CA GLY A 183 12.18 13.85 -23.32
C GLY A 183 10.85 14.26 -23.85
N VAL A 184 9.85 13.49 -23.55
CA VAL A 184 8.55 13.77 -24.11
C VAL A 184 7.94 15.13 -23.69
N LYS A 185 7.47 15.83 -24.66
CA LYS A 185 6.81 17.11 -24.43
C LYS A 185 5.30 16.86 -24.53
N LEU A 186 4.84 15.85 -25.25
CA LEU A 186 3.36 15.67 -25.30
C LEU A 186 3.00 14.24 -24.99
N VAL A 187 2.03 13.95 -24.13
CA VAL A 187 1.56 12.62 -23.91
C VAL A 187 0.11 12.55 -24.40
N ILE A 188 -0.23 11.53 -25.22
CA ILE A 188 -1.57 11.34 -25.57
C ILE A 188 -2.01 9.95 -25.02
N GLY A 189 -2.99 10.03 -24.16
CA GLY A 189 -3.61 8.93 -23.57
C GLY A 189 -4.62 8.49 -24.60
N VAL A 190 -4.74 7.16 -24.72
CA VAL A 190 -5.43 6.48 -25.73
C VAL A 190 -6.39 5.95 -24.77
N GLY A 191 -7.54 6.63 -24.76
CA GLY A 191 -8.62 6.38 -23.85
C GLY A 191 -8.65 7.43 -22.68
N ARG A 192 -9.84 7.61 -22.15
CA ARG A 192 -9.93 8.55 -21.03
C ARG A 192 -9.19 8.12 -19.86
N PHE A 193 -9.22 6.82 -19.55
CA PHE A 193 -8.56 6.41 -18.37
C PHE A 193 -7.11 6.76 -18.40
N SER A 194 -6.31 6.48 -19.43
CA SER A 194 -4.87 6.85 -19.37
C SER A 194 -4.74 8.28 -19.44
N GLU A 195 -5.54 8.95 -20.26
CA GLU A 195 -5.50 10.41 -20.23
C GLU A 195 -5.60 10.97 -18.82
N GLN A 196 -6.60 10.52 -18.09
CA GLN A 196 -6.76 11.16 -16.76
C GLN A 196 -5.75 10.64 -15.82
N ARG A 197 -5.27 9.44 -16.12
CA ARG A 197 -4.43 8.96 -15.15
C ARG A 197 -3.11 9.62 -15.25
N ALA A 198 -2.71 9.95 -16.43
CA ALA A 198 -1.35 10.50 -16.63
C ALA A 198 -1.31 11.93 -16.31
N ARG A 199 -2.38 12.68 -16.57
CA ARG A 199 -2.38 14.09 -16.08
C ARG A 199 -2.23 14.16 -14.51
N LYS A 200 -3.01 13.41 -13.76
CA LYS A 200 -2.88 13.37 -12.35
C LYS A 200 -1.44 13.18 -12.14
N ALA A 201 -0.85 12.21 -12.80
CA ALA A 201 0.46 11.76 -12.40
C ALA A 201 1.67 12.66 -12.78
N LEU A 202 1.60 13.38 -13.83
CA LEU A 202 2.71 14.14 -14.24
C LEU A 202 2.58 15.54 -13.67
N MET A 203 1.36 15.91 -13.35
CA MET A 203 1.15 17.23 -12.86
C MET A 203 1.76 17.14 -11.40
N ALA A 204 1.41 16.13 -10.64
CA ALA A 204 2.10 15.88 -9.35
C ALA A 204 3.65 16.02 -9.37
N GLU A 205 4.45 15.47 -10.27
CA GLU A 205 5.91 15.67 -10.10
C GLU A 205 6.31 16.98 -10.76
N GLY A 206 5.27 17.63 -11.22
CA GLY A 206 5.39 18.93 -11.83
C GLY A 206 6.31 18.91 -13.01
N ILE A 207 6.01 17.94 -13.90
CA ILE A 207 6.87 17.72 -15.08
C ILE A 207 6.58 18.64 -16.27
N ASP A 208 7.59 19.05 -17.00
CA ASP A 208 7.18 19.91 -18.04
C ASP A 208 6.56 19.35 -19.34
N VAL A 209 5.26 19.19 -19.34
CA VAL A 209 4.62 18.28 -20.26
C VAL A 209 3.09 18.44 -20.29
N THR A 210 2.57 18.41 -21.45
CA THR A 210 1.16 18.50 -21.69
C THR A 210 0.70 17.10 -21.87
N VAL A 211 -0.63 16.95 -21.66
CA VAL A 211 -1.28 15.75 -21.70
C VAL A 211 -2.54 15.96 -22.29
N LYS A 212 -2.84 15.28 -23.42
CA LYS A 212 -4.08 15.35 -24.13
C LYS A 212 -4.52 13.88 -24.31
N GLY A 213 -5.51 13.57 -25.18
CA GLY A 213 -6.23 12.33 -25.20
C GLY A 213 -6.77 12.04 -26.62
N ILE A 214 -7.00 10.76 -27.05
CA ILE A 214 -7.74 10.33 -28.30
C ILE A 214 -8.62 9.22 -27.83
N MET A 215 -9.64 8.96 -28.58
CA MET A 215 -10.63 8.00 -28.26
C MET A 215 -9.93 6.62 -28.37
N HIS A 216 -10.45 5.64 -27.64
CA HIS A 216 -9.86 4.36 -27.55
C HIS A 216 -10.52 3.54 -28.59
N PRO A 217 -9.74 2.65 -29.20
CA PRO A 217 -10.22 1.82 -30.23
C PRO A 217 -11.02 0.66 -29.80
N SER A 218 -11.00 0.25 -28.56
CA SER A 218 -11.64 -1.02 -28.28
C SER A 218 -13.04 -1.13 -28.88
N PRO A 219 -13.38 -2.29 -29.33
CA PRO A 219 -14.71 -2.48 -29.86
C PRO A 219 -15.80 -2.56 -28.71
N ARG A 220 -15.37 -2.58 -27.45
CA ARG A 220 -16.24 -2.41 -26.28
C ARG A 220 -16.85 -1.05 -26.20
N ASN A 221 -16.26 -0.10 -26.86
CA ASN A 221 -16.72 1.26 -27.00
C ASN A 221 -17.54 1.51 -28.19
N PRO A 222 -18.82 1.75 -28.00
CA PRO A 222 -19.73 1.77 -29.14
C PRO A 222 -19.40 2.93 -30.02
N GLN A 223 -18.89 3.95 -29.44
CA GLN A 223 -18.60 5.01 -30.35
C GLN A 223 -17.50 4.66 -31.33
N ALA A 224 -16.73 3.58 -31.10
CA ALA A 224 -15.43 3.38 -31.84
C ALA A 224 -15.71 2.47 -32.99
N ASN A 225 -16.82 1.79 -32.88
CA ASN A 225 -17.31 1.06 -33.99
C ASN A 225 -17.90 1.74 -35.15
N LYS A 226 -18.08 3.04 -35.23
CA LYS A 226 -18.27 3.55 -36.56
C LYS A 226 -17.32 4.69 -36.84
N GLY A 227 -16.29 4.43 -37.61
CA GLY A 227 -15.38 5.42 -38.01
C GLY A 227 -14.41 5.85 -36.94
N TRP A 228 -13.99 4.97 -36.09
CA TRP A 228 -12.85 5.34 -35.23
C TRP A 228 -11.68 6.00 -35.95
N GLU A 229 -11.29 5.38 -37.07
CA GLU A 229 -10.13 5.90 -37.79
C GLU A 229 -10.42 7.41 -38.12
N GLY A 230 -11.59 7.65 -38.69
CA GLY A 230 -11.99 9.02 -38.96
C GLY A 230 -12.15 9.97 -37.80
N ILE A 231 -12.66 9.56 -36.66
CA ILE A 231 -12.54 10.40 -35.47
C ILE A 231 -11.17 10.62 -35.02
N VAL A 232 -10.28 9.65 -35.13
CA VAL A 232 -8.96 9.90 -34.51
C VAL A 232 -8.13 10.68 -35.39
N ARG A 233 -8.39 10.62 -36.66
CA ARG A 233 -7.68 11.57 -37.52
C ARG A 233 -8.10 12.95 -37.23
N GLY A 234 -9.37 13.14 -36.92
CA GLY A 234 -9.75 14.49 -36.46
C GLY A 234 -9.12 14.92 -35.19
N GLN A 235 -9.17 14.06 -34.17
CA GLN A 235 -8.51 14.48 -32.93
C GLN A 235 -7.10 14.74 -33.05
N LEU A 236 -6.42 14.08 -33.97
CA LEU A 236 -5.01 14.27 -34.04
C LEU A 236 -4.55 15.50 -34.73
N LEU A 237 -5.32 15.87 -35.69
CA LEU A 237 -5.30 17.15 -36.38
C LEU A 237 -5.43 18.21 -35.36
N GLU A 238 -6.49 18.24 -34.54
CA GLU A 238 -6.54 19.33 -33.45
C GLU A 238 -5.37 19.48 -32.59
N LEU A 239 -4.64 18.42 -32.31
CA LEU A 239 -3.66 18.41 -31.28
C LEU A 239 -2.51 18.67 -32.01
N GLY A 240 -2.62 18.66 -33.34
CA GLY A 240 -1.48 19.13 -34.12
C GLY A 240 -0.24 18.37 -34.34
N VAL A 241 -0.37 17.10 -34.52
CA VAL A 241 0.74 16.22 -34.58
C VAL A 241 0.70 15.49 -35.90
N LEU A 242 -0.40 15.49 -36.65
CA LEU A 242 -0.36 15.16 -38.09
C LEU A 242 0.85 15.72 -38.86
N SER A 243 1.36 16.81 -38.41
CA SER A 243 2.51 17.28 -39.06
C SER A 243 3.80 16.44 -38.78
N LEU A 244 4.11 16.23 -37.50
CA LEU A 244 5.27 15.37 -37.13
C LEU A 244 5.12 13.94 -37.66
N LEU A 245 3.91 13.54 -38.12
CA LEU A 245 3.62 12.15 -38.53
C LEU A 245 3.77 12.09 -40.08
N THR A 246 4.37 13.15 -40.56
CA THR A 246 4.60 13.45 -41.96
C THR A 246 3.26 13.68 -42.71
N GLU B 2 16.17 -9.26 39.26
CA GLU B 2 14.65 -8.91 39.06
C GLU B 2 14.34 -7.73 37.94
N SER B 3 14.85 -7.96 36.66
CA SER B 3 14.33 -7.23 35.52
C SER B 3 13.31 -8.02 34.76
N PRO B 4 12.12 -7.38 34.63
CA PRO B 4 11.11 -8.04 33.88
C PRO B 4 11.38 -8.00 32.41
N ALA B 5 12.34 -7.32 31.86
CA ALA B 5 12.28 -7.22 30.35
C ALA B 5 12.14 -8.46 29.58
N ASP B 6 12.98 -9.42 29.92
CA ASP B 6 12.99 -10.62 29.11
C ASP B 6 11.67 -11.43 29.25
N SER B 7 11.07 -11.40 30.45
CA SER B 7 9.78 -12.15 30.65
C SER B 7 8.55 -11.47 29.91
N PHE B 8 8.54 -10.08 30.00
CA PHE B 8 7.58 -9.24 29.21
C PHE B 8 7.66 -9.52 27.82
N LEU B 9 8.89 -9.40 27.31
CA LEU B 9 9.03 -9.83 25.85
C LEU B 9 8.53 -11.29 25.50
N LYS B 10 8.66 -12.22 26.49
CA LYS B 10 8.28 -13.61 26.17
C LYS B 10 6.71 -13.77 26.26
N VAL B 11 6.09 -13.07 27.22
CA VAL B 11 4.61 -12.98 27.27
C VAL B 11 4.18 -12.48 26.02
N GLU B 12 4.91 -11.52 25.46
CA GLU B 12 4.48 -11.09 24.12
C GLU B 12 4.68 -11.98 22.96
N LEU B 13 5.88 -12.64 22.85
CA LEU B 13 6.01 -13.74 21.80
C LEU B 13 5.07 -14.91 21.97
N GLU B 14 4.66 -15.15 23.24
CA GLU B 14 3.68 -16.21 23.52
C GLU B 14 2.35 -15.86 22.85
N LEU B 15 1.91 -14.64 23.21
CA LEU B 15 0.76 -14.04 22.65
C LEU B 15 0.84 -13.86 21.15
N ASN B 16 2.01 -13.48 20.57
CA ASN B 16 2.00 -13.44 19.07
C ASN B 16 1.68 -14.79 18.54
N LEU B 17 2.27 -15.86 19.15
CA LEU B 17 1.89 -17.24 18.70
C LEU B 17 0.36 -17.60 18.58
N LYS B 18 -0.31 -17.44 19.72
CA LYS B 18 -1.72 -17.86 19.82
C LYS B 18 -2.54 -17.06 18.86
N LEU B 19 -2.08 -15.86 18.54
CA LEU B 19 -2.83 -14.98 17.63
C LEU B 19 -2.62 -15.27 16.17
N SER B 20 -1.38 -15.56 15.83
CA SER B 20 -1.03 -16.05 14.45
C SER B 20 -1.99 -17.15 14.08
N ASN B 21 -2.47 -17.89 15.08
CA ASN B 21 -3.54 -18.93 14.89
C ASN B 21 -5.02 -18.61 14.56
N LEU B 22 -5.42 -17.40 14.28
CA LEU B 22 -6.84 -17.23 14.29
C LEU B 22 -7.19 -16.75 12.94
N VAL B 23 -8.42 -16.92 12.55
CA VAL B 23 -8.63 -16.43 11.25
C VAL B 23 -9.74 -15.41 11.29
N PHE B 24 -9.57 -14.22 10.66
CA PHE B 24 -10.63 -13.24 10.83
C PHE B 24 -11.55 -13.12 9.64
N GLN B 25 -12.71 -12.44 9.72
CA GLN B 25 -13.73 -12.63 8.66
C GLN B 25 -14.49 -11.38 8.44
N ASP B 26 -14.98 -11.22 7.21
CA ASP B 26 -16.35 -10.76 7.04
C ASP B 26 -16.36 -9.28 6.84
N PRO B 27 -16.30 -8.42 7.97
CA PRO B 27 -15.88 -6.97 7.86
C PRO B 27 -14.34 -6.79 7.96
N VAL B 28 -13.65 -7.69 8.60
CA VAL B 28 -12.23 -7.66 8.57
C VAL B 28 -11.61 -8.11 7.22
N GLN B 29 -10.70 -7.30 6.63
CA GLN B 29 -9.95 -7.60 5.44
C GLN B 29 -8.46 -7.58 5.72
N TYR B 30 -7.94 -6.85 6.69
CA TYR B 30 -6.52 -6.75 6.91
C TYR B 30 -6.35 -6.84 8.35
N VAL B 31 -5.25 -7.47 8.74
CA VAL B 31 -4.86 -7.51 10.08
C VAL B 31 -3.29 -7.25 10.09
N TYR B 32 -2.74 -6.56 11.08
CA TYR B 32 -1.35 -6.13 11.12
C TYR B 32 -0.97 -6.32 12.54
N ASN B 33 0.20 -6.86 12.79
CA ASN B 33 0.64 -6.96 14.09
C ASN B 33 1.99 -6.36 14.02
N PRO B 34 2.15 -5.13 14.46
CA PRO B 34 3.46 -4.53 14.64
C PRO B 34 4.33 -5.15 15.62
N LEU B 35 3.84 -6.22 16.19
CA LEU B 35 4.69 -6.85 17.13
C LEU B 35 5.62 -7.83 16.42
N VAL B 36 5.27 -8.21 15.22
CA VAL B 36 6.17 -8.99 14.25
C VAL B 36 7.04 -7.93 13.44
N TYR B 37 6.41 -7.25 12.46
CA TYR B 37 7.14 -6.23 11.69
C TYR B 37 7.75 -5.02 12.40
N ALA B 38 7.40 -4.65 13.64
CA ALA B 38 8.16 -3.57 14.32
C ALA B 38 8.81 -3.97 15.55
N TRP B 39 9.38 -5.16 15.46
CA TRP B 39 9.79 -5.89 16.68
C TRP B 39 10.96 -5.12 17.09
N ALA B 40 11.84 -4.78 16.20
CA ALA B 40 13.08 -4.18 16.72
C ALA B 40 12.99 -3.04 17.72
N PRO B 41 12.18 -2.00 17.35
CA PRO B 41 11.98 -0.84 18.22
C PRO B 41 11.19 -1.18 19.40
N HIS B 42 10.24 -2.09 19.17
CA HIS B 42 9.53 -2.64 20.38
C HIS B 42 10.46 -3.22 21.42
N GLU B 43 11.34 -4.07 20.95
CA GLU B 43 12.37 -4.64 21.91
C GLU B 43 13.16 -3.61 22.56
N ASN B 44 13.64 -2.67 21.76
CA ASN B 44 14.52 -1.61 22.25
C ASN B 44 13.78 -0.81 23.33
N TYR B 45 12.44 -0.67 23.18
CA TYR B 45 11.61 0.14 24.16
C TYR B 45 11.63 -0.68 25.43
N VAL B 46 11.34 -1.97 25.24
CA VAL B 46 11.15 -2.78 26.44
C VAL B 46 12.46 -2.95 27.24
N GLN B 47 13.52 -3.28 26.53
CA GLN B 47 14.88 -3.21 27.05
C GLN B 47 15.39 -1.99 27.74
N THR B 48 14.99 -0.89 27.21
CA THR B 48 15.61 0.34 27.70
C THR B 48 14.78 0.77 28.78
N TYR B 49 13.49 0.38 28.83
CA TYR B 49 12.64 1.05 29.75
C TYR B 49 11.95 0.19 30.76
N CYS B 50 12.14 -1.14 30.69
CA CYS B 50 11.57 -2.08 31.58
C CYS B 50 12.70 -2.83 32.25
N LYS B 51 13.55 -2.08 32.96
CA LYS B 51 14.84 -2.63 33.42
C LYS B 51 14.57 -2.96 34.84
N SER B 52 13.34 -3.15 35.28
CA SER B 52 13.12 -3.15 36.72
C SER B 52 11.65 -3.11 37.02
N LYS B 53 11.18 -3.28 38.24
CA LYS B 53 9.76 -3.72 38.36
C LYS B 53 8.89 -2.57 38.56
N LYS B 54 7.60 -2.69 38.28
CA LYS B 54 6.81 -1.45 38.17
C LYS B 54 5.72 -1.45 39.08
N GLU B 55 5.53 -0.26 39.68
CA GLU B 55 4.27 0.06 40.46
C GLU B 55 3.01 0.32 39.62
N VAL B 56 3.10 1.18 38.52
CA VAL B 56 1.93 1.44 37.64
C VAL B 56 2.04 0.93 36.20
N LEU B 57 0.94 0.49 35.65
CA LEU B 57 0.82 0.09 34.22
C LEU B 57 -0.27 0.87 33.50
N PHE B 58 0.05 1.76 32.54
CA PHE B 58 -1.01 2.38 31.70
C PHE B 58 -1.33 1.40 30.60
N LEU B 59 -2.61 1.29 30.23
CA LEU B 59 -3.04 0.27 29.36
C LEU B 59 -3.98 0.76 28.34
N GLY B 60 -3.63 0.62 27.05
CA GLY B 60 -4.50 1.19 26.05
C GLY B 60 -5.08 -0.01 25.44
N MET B 61 -6.01 0.21 24.54
CA MET B 61 -6.72 -0.82 23.90
C MET B 61 -5.96 -1.53 22.75
N ASN B 62 -5.85 -0.97 21.55
CA ASN B 62 -4.98 -1.60 20.58
C ASN B 62 -4.11 -0.54 19.86
N PRO B 63 -3.11 -0.87 19.04
CA PRO B 63 -2.43 0.18 18.26
C PRO B 63 -3.39 1.03 17.40
N GLY B 64 -3.03 2.30 17.23
CA GLY B 64 -3.64 3.06 16.13
C GLY B 64 -2.79 3.09 14.86
N PRO B 65 -3.41 3.39 13.72
CA PRO B 65 -2.74 3.46 12.40
C PRO B 65 -1.53 4.33 12.37
N PHE B 66 -1.39 5.34 13.22
CA PHE B 66 -0.21 6.16 12.95
C PHE B 66 0.74 6.27 14.08
N GLY B 67 0.52 5.48 15.11
CA GLY B 67 1.36 5.43 16.23
C GLY B 67 1.99 4.04 16.37
N MET B 68 1.45 3.23 17.27
CA MET B 68 2.14 2.04 17.43
C MET B 68 2.24 1.23 16.16
N ALA B 69 1.29 1.36 15.26
CA ALA B 69 1.40 0.62 14.05
C ALA B 69 2.65 0.95 13.22
N GLN B 70 3.36 2.05 13.48
CA GLN B 70 4.45 2.51 12.66
C GLN B 70 5.68 2.41 13.50
N THR B 71 5.59 2.70 14.82
CA THR B 71 6.77 2.70 15.65
C THR B 71 7.02 1.45 16.54
N GLY B 72 6.07 0.53 16.65
CA GLY B 72 6.17 -0.45 17.76
C GLY B 72 6.06 -0.05 19.21
N VAL B 73 5.99 1.20 19.58
CA VAL B 73 5.92 1.64 20.97
C VAL B 73 4.46 1.95 21.22
N PRO B 74 3.87 1.64 22.35
CA PRO B 74 2.44 1.92 22.54
C PRO B 74 2.18 3.44 22.63
N PHE B 75 1.00 3.89 22.24
CA PHE B 75 0.75 5.35 22.09
C PHE B 75 1.97 6.06 21.33
N GLY B 76 2.55 5.30 20.37
CA GLY B 76 3.77 5.59 19.67
C GLY B 76 3.83 6.58 18.56
N GLU B 77 3.33 7.75 18.77
CA GLU B 77 3.58 8.85 17.88
C GLU B 77 5.08 9.10 17.47
N VAL B 78 5.38 9.11 16.20
CA VAL B 78 6.76 9.18 15.81
C VAL B 78 7.65 10.22 16.46
N ASN B 79 7.24 11.49 16.54
CA ASN B 79 8.16 12.48 17.01
C ASN B 79 8.53 12.31 18.47
N HIS B 80 7.57 11.92 19.24
CA HIS B 80 7.92 11.82 20.64
C HIS B 80 8.62 10.59 20.85
N VAL B 81 8.26 9.51 20.14
CA VAL B 81 9.06 8.35 20.32
C VAL B 81 10.66 8.67 19.93
N ARG B 82 10.96 9.23 18.78
CA ARG B 82 12.27 9.42 18.26
C ARG B 82 12.78 10.48 19.08
N ASP B 83 12.15 11.60 19.39
CA ASP B 83 12.96 12.59 20.10
C ASP B 83 12.98 12.48 21.58
N TRP B 84 12.02 11.87 22.22
CA TRP B 84 11.96 11.90 23.72
C TRP B 84 12.23 10.54 24.32
N LEU B 85 11.60 9.48 23.82
CA LEU B 85 11.90 8.24 24.25
C LEU B 85 13.19 7.83 23.70
N GLN B 86 13.48 8.31 22.55
CA GLN B 86 14.74 8.04 21.91
C GLN B 86 14.86 6.65 21.50
N ILE B 87 13.94 6.20 20.70
CA ILE B 87 13.87 4.87 20.23
C ILE B 87 13.81 4.91 18.75
N GLU B 88 14.84 4.28 18.19
CA GLU B 88 14.92 4.03 16.77
C GLU B 88 15.01 2.53 16.49
N GLY B 89 14.75 2.13 15.25
CA GLY B 89 14.60 0.75 14.95
C GLY B 89 14.23 0.65 13.48
N PRO B 90 14.57 -0.50 12.86
CA PRO B 90 14.08 -0.72 11.50
C PRO B 90 12.74 -1.26 11.69
N VAL B 91 11.87 -0.97 10.71
CA VAL B 91 10.57 -1.52 10.63
C VAL B 91 10.27 -2.06 9.24
N SER B 92 9.59 -3.18 9.03
CA SER B 92 9.34 -3.65 7.70
C SER B 92 7.93 -3.50 7.49
N LYS B 93 7.23 -4.37 6.82
CA LYS B 93 5.96 -4.01 6.28
C LYS B 93 5.05 -5.24 6.52
N PRO B 94 3.88 -5.10 7.05
CA PRO B 94 3.07 -6.26 7.19
C PRO B 94 2.89 -7.02 5.76
N GLU B 95 2.58 -8.36 5.74
CA GLU B 95 2.52 -9.17 4.48
C GLU B 95 1.48 -8.62 3.44
N VAL B 96 0.34 -8.08 3.87
CA VAL B 96 -0.62 -7.39 2.96
C VAL B 96 -1.05 -6.02 3.50
N GLU B 97 -0.77 -4.92 2.81
CA GLU B 97 -1.01 -3.54 3.28
C GLU B 97 -2.21 -3.06 2.56
N HIS B 98 -3.09 -2.27 3.25
CA HIS B 98 -4.10 -1.53 2.53
C HIS B 98 -3.29 -0.24 2.07
N PRO B 99 -3.51 0.14 0.83
CA PRO B 99 -2.81 1.24 0.25
C PRO B 99 -3.11 2.53 0.97
N LYS B 100 -4.27 2.75 1.54
CA LYS B 100 -4.48 3.94 2.39
C LYS B 100 -3.83 3.83 3.81
N ARG B 101 -3.20 2.71 4.18
CA ARG B 101 -2.59 2.50 5.51
C ARG B 101 -1.27 1.80 5.50
N ARG B 102 -0.30 2.49 4.90
CA ARG B 102 0.97 1.93 4.49
C ARG B 102 1.81 2.15 5.73
N ILE B 103 2.71 1.27 6.01
CA ILE B 103 3.58 1.42 7.17
C ILE B 103 4.84 2.05 6.69
N ARG B 104 5.19 3.21 7.17
CA ARG B 104 6.40 3.79 6.75
C ARG B 104 7.40 3.90 7.93
N GLY B 105 7.07 3.39 9.11
CA GLY B 105 8.09 3.36 10.16
C GLY B 105 8.33 4.72 10.70
N PHE B 106 9.55 5.04 11.05
CA PHE B 106 9.94 6.36 11.45
C PHE B 106 9.95 7.36 10.27
N GLU B 107 9.58 7.02 9.06
CA GLU B 107 9.39 8.06 8.07
C GLU B 107 7.94 8.36 7.82
N CYS B 108 7.11 7.99 8.81
CA CYS B 108 5.76 8.45 8.80
C CYS B 108 5.67 9.99 8.95
N PRO B 109 5.00 10.56 7.95
CA PRO B 109 4.61 11.95 8.03
C PRO B 109 3.51 12.25 9.22
N GLN B 110 2.41 11.44 9.27
CA GLN B 110 1.24 11.81 10.04
C GLN B 110 1.55 11.85 11.55
N SER B 111 1.00 12.76 12.32
CA SER B 111 1.16 12.61 13.77
C SER B 111 -0.16 12.01 14.41
N GLU B 112 -0.01 10.99 15.20
CA GLU B 112 -1.06 10.48 15.84
C GLU B 112 -1.27 11.42 16.97
N VAL B 113 -2.46 12.00 16.96
CA VAL B 113 -2.95 12.87 18.10
C VAL B 113 -3.10 12.17 19.44
N SER B 114 -3.65 10.95 19.57
CA SER B 114 -3.66 10.36 20.87
C SER B 114 -2.25 10.17 21.42
N GLY B 115 -1.35 9.75 20.57
CA GLY B 115 -0.08 9.42 21.16
C GLY B 115 0.66 10.64 21.48
N ALA B 116 0.58 11.62 20.65
CA ALA B 116 1.30 12.89 20.97
C ALA B 116 0.68 13.41 22.24
N ARG B 117 -0.69 13.41 22.38
CA ARG B 117 -1.13 13.94 23.69
C ARG B 117 -0.53 13.18 24.85
N PHE B 118 -0.52 11.83 24.62
CA PHE B 118 -0.20 10.96 25.72
C PHE B 118 1.16 11.31 26.20
N TRP B 119 2.18 11.32 25.32
CA TRP B 119 3.51 11.47 25.74
C TRP B 119 3.78 12.89 25.96
N SER B 120 3.00 13.78 25.46
CA SER B 120 3.40 15.16 25.68
C SER B 120 3.08 15.48 27.10
N LEU B 121 2.00 14.89 27.66
CA LEU B 121 1.71 15.02 29.14
C LEU B 121 2.88 14.49 29.97
N PHE B 122 3.34 13.28 29.69
CA PHE B 122 4.37 12.73 30.57
C PHE B 122 5.68 13.47 30.38
N LYS B 123 5.93 13.96 29.18
CA LYS B 123 7.11 14.79 28.95
C LYS B 123 7.01 16.11 29.73
N SER B 124 5.86 16.66 29.85
CA SER B 124 5.78 17.80 30.79
C SER B 124 5.81 17.45 32.27
N LEU B 125 5.29 16.32 32.63
CA LEU B 125 5.09 16.03 33.97
C LEU B 125 6.39 15.68 34.57
N CYS B 126 7.25 14.99 33.81
CA CYS B 126 8.44 14.27 34.22
C CYS B 126 9.78 14.72 33.70
N GLY B 127 9.86 15.53 32.68
CA GLY B 127 11.13 15.99 32.16
C GLY B 127 11.79 15.03 31.21
N GLN B 128 12.17 13.93 31.80
CA GLN B 128 13.15 12.98 31.29
C GLN B 128 12.43 11.66 31.34
N PRO B 129 12.47 10.87 30.29
CA PRO B 129 11.87 9.50 30.32
C PRO B 129 12.22 8.59 31.53
N GLU B 130 13.45 8.65 32.04
CA GLU B 130 13.82 7.79 33.19
C GLU B 130 12.90 8.13 34.33
N THR B 131 12.69 9.39 34.62
CA THR B 131 11.74 9.72 35.63
C THR B 131 10.35 9.01 35.43
N PHE B 132 9.84 8.84 34.19
CA PHE B 132 8.45 8.38 34.09
C PHE B 132 8.45 6.84 34.13
N PHE B 133 9.49 6.28 33.60
CA PHE B 133 9.54 4.86 33.67
C PHE B 133 10.11 4.26 34.98
N LYS B 134 10.61 5.11 35.88
CA LYS B 134 11.17 4.69 37.12
C LYS B 134 10.27 3.71 37.88
N HIS B 135 9.03 4.16 38.17
CA HIS B 135 7.89 3.27 38.52
C HIS B 135 6.78 2.86 37.55
N CYS B 136 6.84 3.19 36.23
CA CYS B 136 5.64 2.95 35.38
C CYS B 136 6.00 2.30 34.10
N PHE B 137 4.99 1.91 33.33
CA PHE B 137 5.21 1.38 32.06
C PHE B 137 3.91 1.43 31.23
N VAL B 138 4.03 1.09 29.94
CA VAL B 138 2.81 1.21 29.14
C VAL B 138 2.73 0.16 28.24
N HIS B 139 1.55 -0.30 27.92
CA HIS B 139 1.42 -1.54 27.15
C HIS B 139 0.04 -1.56 26.66
N ASN B 140 -0.30 -2.37 25.67
CA ASN B 140 -1.64 -2.50 25.13
C ASN B 140 -2.17 -3.91 25.30
N HIS B 141 -3.46 -3.93 25.45
CA HIS B 141 -4.14 -5.09 25.69
C HIS B 141 -4.12 -6.01 24.51
N CYS B 142 -4.37 -5.58 23.30
CA CYS B 142 -4.26 -6.36 22.05
C CYS B 142 -3.33 -5.54 21.17
N PRO B 143 -2.40 -6.25 20.50
CA PRO B 143 -1.38 -5.63 19.60
C PRO B 143 -1.76 -5.72 18.23
N LEU B 144 -2.85 -6.36 17.94
CA LEU B 144 -3.22 -6.43 16.56
C LEU B 144 -4.07 -5.19 16.12
N ILE B 145 -4.00 -4.85 14.80
CA ILE B 145 -4.72 -3.80 14.29
C ILE B 145 -5.55 -4.26 13.09
N PHE B 146 -6.83 -3.80 12.98
CA PHE B 146 -7.85 -4.38 12.14
C PHE B 146 -8.42 -3.34 11.26
N MET B 147 -8.53 -3.70 10.00
CA MET B 147 -9.12 -2.74 9.10
C MET B 147 -10.18 -3.34 8.15
N ASN B 148 -11.16 -2.56 7.70
CA ASN B 148 -12.27 -3.20 6.88
C ASN B 148 -11.78 -3.14 5.38
N HIS B 149 -12.67 -3.25 4.38
CA HIS B 149 -12.21 -3.27 2.98
C HIS B 149 -11.70 -1.90 2.52
N SER B 150 -12.16 -0.80 3.15
CA SER B 150 -11.87 0.54 2.69
C SER B 150 -10.64 1.11 3.42
N GLY B 151 -10.09 0.42 4.41
CA GLY B 151 -8.99 0.92 5.25
C GLY B 151 -9.43 1.44 6.61
N LYS B 152 -10.78 1.50 6.75
CA LYS B 152 -11.37 1.99 7.94
C LYS B 152 -11.03 1.04 9.02
N ASN B 153 -10.61 1.61 10.14
CA ASN B 153 -10.16 0.92 11.36
C ASN B 153 -11.37 0.38 12.08
N LEU B 154 -11.24 -0.87 12.58
CA LEU B 154 -12.16 -1.61 13.40
C LEU B 154 -11.52 -1.84 14.69
N THR B 155 -12.19 -1.45 15.73
CA THR B 155 -11.66 -1.87 17.05
C THR B 155 -12.04 -3.29 17.27
N PRO B 156 -11.44 -3.86 18.29
CA PRO B 156 -11.87 -5.15 18.79
C PRO B 156 -13.37 -5.17 19.09
N THR B 157 -13.92 -4.27 19.86
CA THR B 157 -15.38 -4.29 19.98
C THR B 157 -16.10 -4.22 18.73
N ASP B 158 -15.65 -3.57 17.62
CA ASP B 158 -16.43 -3.54 16.32
C ASP B 158 -16.30 -4.89 15.65
N LEU B 159 -15.80 -5.90 16.31
CA LEU B 159 -15.61 -7.20 15.65
C LEU B 159 -16.83 -8.13 15.82
N PRO B 160 -17.17 -9.04 14.92
CA PRO B 160 -18.29 -9.95 15.28
C PRO B 160 -17.88 -11.04 16.39
N LYS B 161 -18.61 -11.00 17.52
CA LYS B 161 -18.92 -12.09 18.46
C LYS B 161 -18.28 -13.39 18.09
N ALA B 162 -17.22 -13.88 18.64
CA ALA B 162 -16.87 -15.18 17.97
C ALA B 162 -15.50 -15.17 17.78
N GLN B 163 -14.99 -14.60 16.65
CA GLN B 163 -13.58 -13.98 16.82
C GLN B 163 -13.39 -12.95 17.98
N ARG B 164 -14.37 -12.04 18.28
CA ARG B 164 -14.18 -11.07 19.38
C ARG B 164 -13.93 -11.67 20.73
N ASP B 165 -14.69 -12.66 21.11
CA ASP B 165 -14.57 -13.29 22.48
C ASP B 165 -13.34 -14.22 22.56
N THR B 166 -13.03 -14.93 21.48
CA THR B 166 -11.79 -15.66 21.57
C THR B 166 -10.66 -14.72 21.67
N LEU B 167 -10.65 -13.71 20.82
CA LEU B 167 -9.50 -12.83 20.82
C LEU B 167 -9.28 -12.09 22.12
N LEU B 168 -10.35 -11.61 22.76
CA LEU B 168 -10.16 -10.97 24.08
C LEU B 168 -9.82 -11.84 25.28
N GLU B 169 -10.54 -12.99 25.34
CA GLU B 169 -10.15 -14.20 26.16
C GLU B 169 -8.60 -14.44 26.05
N ILE B 170 -8.09 -14.61 24.84
CA ILE B 170 -6.61 -14.81 24.74
C ILE B 170 -5.76 -13.56 25.23
N CYS B 171 -6.11 -12.35 24.76
CA CYS B 171 -5.38 -11.22 25.34
C CYS B 171 -5.52 -11.00 26.84
N ASP B 172 -6.72 -11.28 27.38
CA ASP B 172 -7.02 -11.23 28.82
C ASP B 172 -6.00 -12.11 29.68
N GLU B 173 -5.68 -13.31 29.19
CA GLU B 173 -4.75 -14.25 29.89
C GLU B 173 -3.35 -13.63 29.88
N ALA B 174 -2.87 -13.21 28.73
CA ALA B 174 -1.60 -12.43 28.55
C ALA B 174 -1.46 -11.18 29.36
N LEU B 175 -2.55 -10.52 29.42
CA LEU B 175 -2.55 -9.37 30.28
C LEU B 175 -2.28 -9.63 31.72
N CYS B 176 -2.82 -10.72 32.23
CA CYS B 176 -2.58 -11.27 33.60
C CYS B 176 -1.10 -11.65 33.82
N GLN B 177 -0.53 -12.41 32.86
CA GLN B 177 0.98 -12.62 32.93
C GLN B 177 1.80 -11.36 32.99
N ALA B 178 1.40 -10.33 32.19
CA ALA B 178 2.33 -9.24 32.13
C ALA B 178 2.24 -8.53 33.36
N VAL B 179 1.02 -8.51 33.88
CA VAL B 179 0.84 -7.78 35.16
C VAL B 179 1.61 -8.36 36.35
N ARG B 180 1.51 -9.70 36.42
CA ARG B 180 2.34 -10.49 37.39
C ARG B 180 3.86 -10.27 37.15
N VAL B 181 4.36 -10.50 35.92
CA VAL B 181 5.74 -10.15 35.59
C VAL B 181 6.19 -8.72 35.94
N LEU B 182 5.38 -7.70 35.73
CA LEU B 182 5.86 -6.37 36.02
C LEU B 182 5.90 -5.99 37.47
N GLY B 183 4.88 -6.53 38.12
CA GLY B 183 4.82 -6.52 39.54
C GLY B 183 3.94 -5.47 40.00
N VAL B 184 2.91 -5.24 39.26
CA VAL B 184 2.27 -3.92 39.53
C VAL B 184 1.21 -4.03 40.53
N LYS B 185 1.14 -3.00 41.39
CA LYS B 185 0.01 -2.67 42.27
C LYS B 185 -1.24 -2.07 41.62
N LEU B 186 -1.08 -1.26 40.53
CA LEU B 186 -2.19 -0.50 39.95
C LEU B 186 -2.07 -0.41 38.44
N VAL B 187 -3.24 -0.48 37.82
CA VAL B 187 -3.45 -0.43 36.44
C VAL B 187 -4.51 0.60 36.09
N ILE B 188 -4.18 1.50 35.11
CA ILE B 188 -4.97 2.61 34.62
C ILE B 188 -5.19 2.31 33.19
N GLY B 189 -6.40 1.86 32.87
CA GLY B 189 -6.89 1.80 31.53
C GLY B 189 -7.00 3.24 31.00
N VAL B 190 -6.52 3.47 29.74
CA VAL B 190 -6.69 4.69 29.01
C VAL B 190 -7.87 4.46 28.24
N GLY B 191 -9.01 5.07 28.65
CA GLY B 191 -10.30 4.72 27.97
C GLY B 191 -11.23 3.77 28.73
N ARG B 192 -12.55 3.88 28.56
CA ARG B 192 -13.41 2.96 29.23
C ARG B 192 -13.09 1.53 28.85
N PHE B 193 -13.06 1.11 27.61
CA PHE B 193 -12.79 -0.31 27.31
C PHE B 193 -11.63 -0.88 28.00
N SER B 194 -10.58 -0.19 28.03
CA SER B 194 -9.48 -0.81 28.71
C SER B 194 -9.61 -0.92 30.19
N GLU B 195 -10.30 0.02 30.87
CA GLU B 195 -10.34 -0.08 32.31
C GLU B 195 -11.32 -1.29 32.65
N GLN B 196 -12.47 -1.25 32.08
CA GLN B 196 -13.32 -2.35 32.28
C GLN B 196 -12.61 -3.69 31.92
N ARG B 197 -12.17 -3.83 30.68
CA ARG B 197 -11.63 -5.09 30.39
C ARG B 197 -10.55 -5.53 31.34
N ALA B 198 -9.84 -4.64 31.98
CA ALA B 198 -8.72 -5.18 32.68
C ALA B 198 -9.20 -5.70 33.99
N ARG B 199 -9.97 -4.86 34.70
CA ARG B 199 -10.81 -5.19 35.84
C ARG B 199 -11.39 -6.63 35.81
N LYS B 200 -11.94 -7.09 34.66
CA LYS B 200 -12.81 -8.25 34.51
C LYS B 200 -11.87 -9.30 34.30
N ALA B 201 -10.81 -9.07 33.53
CA ALA B 201 -9.66 -10.00 33.46
C ALA B 201 -9.01 -10.37 34.74
N LEU B 202 -8.58 -9.39 35.50
CA LEU B 202 -7.84 -9.68 36.75
C LEU B 202 -8.72 -10.26 37.91
N MET B 203 -9.84 -9.63 38.21
CA MET B 203 -10.66 -10.23 39.16
C MET B 203 -10.96 -11.66 38.65
N ALA B 204 -11.13 -11.96 37.36
CA ALA B 204 -11.40 -13.42 37.03
C ALA B 204 -10.21 -14.39 37.32
N GLU B 205 -9.18 -13.96 37.97
CA GLU B 205 -8.09 -14.87 38.31
C GLU B 205 -7.57 -14.35 39.59
N GLY B 206 -8.51 -13.76 40.35
CA GLY B 206 -8.30 -12.93 41.54
C GLY B 206 -6.91 -12.45 41.69
N ILE B 207 -6.51 -11.50 40.88
CA ILE B 207 -5.19 -10.99 41.10
C ILE B 207 -5.44 -9.82 41.96
N ASP B 208 -4.60 -9.61 42.96
CA ASP B 208 -4.95 -8.57 43.90
C ASP B 208 -4.22 -7.27 43.59
N VAL B 209 -4.86 -6.58 42.60
CA VAL B 209 -4.46 -5.29 42.03
C VAL B 209 -5.64 -4.40 41.64
N THR B 210 -5.63 -3.21 42.15
CA THR B 210 -6.54 -2.15 41.71
C THR B 210 -6.47 -1.77 40.17
N VAL B 211 -7.63 -1.44 39.64
CA VAL B 211 -7.79 -1.04 38.28
C VAL B 211 -8.51 0.26 38.32
N LYS B 212 -7.82 1.38 38.06
CA LYS B 212 -8.54 2.68 37.73
C LYS B 212 -8.56 3.12 36.27
N GLY B 213 -8.81 4.37 35.97
CA GLY B 213 -8.79 4.79 34.57
C GLY B 213 -8.47 6.28 34.33
N ILE B 214 -8.16 6.69 33.06
CA ILE B 214 -8.18 8.01 32.69
C ILE B 214 -8.89 8.19 31.43
N MET B 215 -9.19 9.44 31.17
CA MET B 215 -9.82 9.73 29.99
C MET B 215 -8.94 9.32 28.76
N HIS B 216 -9.44 8.54 27.84
CA HIS B 216 -8.79 8.47 26.54
C HIS B 216 -8.47 9.86 25.78
N PRO B 217 -7.28 10.02 25.20
CA PRO B 217 -6.89 11.26 24.57
C PRO B 217 -7.30 11.29 23.15
N SER B 218 -8.04 10.30 22.62
CA SER B 218 -8.48 10.38 21.18
C SER B 218 -9.30 11.61 20.85
N PRO B 219 -9.12 12.16 19.68
CA PRO B 219 -9.91 13.29 19.26
C PRO B 219 -11.22 12.98 18.76
N ARG B 220 -11.64 11.73 18.79
CA ARG B 220 -13.04 11.37 18.48
C ARG B 220 -13.86 11.73 19.60
N ASN B 221 -13.27 11.97 20.76
CA ASN B 221 -13.94 12.41 21.98
C ASN B 221 -13.90 13.91 22.42
N PRO B 222 -14.98 14.57 22.19
CA PRO B 222 -15.04 15.98 22.35
C PRO B 222 -14.52 16.59 23.62
N GLN B 223 -14.66 15.91 24.78
CA GLN B 223 -14.17 16.55 26.00
C GLN B 223 -12.72 16.54 26.00
N ALA B 224 -12.18 15.70 25.15
CA ALA B 224 -10.76 15.60 25.05
C ALA B 224 -10.21 16.69 24.24
N ASN B 225 -10.93 17.17 23.26
CA ASN B 225 -10.43 18.29 22.48
C ASN B 225 -10.61 19.61 23.22
N LYS B 226 -10.99 19.62 24.43
CA LYS B 226 -11.15 20.79 25.09
C LYS B 226 -10.07 21.04 26.08
N GLY B 227 -9.51 20.07 26.75
CA GLY B 227 -8.34 20.28 27.59
C GLY B 227 -7.95 18.93 28.21
N TRP B 228 -7.73 17.90 27.33
CA TRP B 228 -7.37 16.54 27.81
C TRP B 228 -6.28 16.68 28.91
N GLU B 229 -5.20 17.39 28.65
CA GLU B 229 -4.14 17.33 29.65
C GLU B 229 -4.62 17.85 31.06
N GLY B 230 -5.41 18.96 31.05
CA GLY B 230 -6.00 19.47 32.24
C GLY B 230 -6.78 18.39 32.97
N ILE B 231 -7.72 17.78 32.32
CA ILE B 231 -8.47 16.75 32.97
C ILE B 231 -7.51 15.69 33.48
N VAL B 232 -6.70 15.14 32.64
CA VAL B 232 -5.95 14.01 33.17
C VAL B 232 -5.04 14.42 34.31
N ARG B 233 -4.25 15.53 34.25
CA ARG B 233 -3.37 15.96 35.41
C ARG B 233 -4.18 15.90 36.72
N GLY B 234 -5.49 16.26 36.64
CA GLY B 234 -6.45 16.07 37.71
C GLY B 234 -6.90 14.69 38.17
N GLN B 235 -7.26 13.84 37.20
CA GLN B 235 -7.36 12.43 37.42
C GLN B 235 -6.06 11.86 37.98
N LEU B 236 -4.85 12.28 37.63
CA LEU B 236 -3.69 11.52 38.23
C LEU B 236 -3.41 11.95 39.65
N LEU B 237 -3.85 13.15 39.97
CA LEU B 237 -3.71 13.70 41.32
C LEU B 237 -4.68 12.92 42.25
N GLU B 238 -5.98 12.80 41.92
CA GLU B 238 -6.89 11.97 42.70
C GLU B 238 -6.33 10.57 42.81
N LEU B 239 -5.61 10.01 41.84
CA LEU B 239 -5.23 8.60 42.00
C LEU B 239 -4.01 8.56 42.90
N GLY B 240 -3.35 9.63 43.23
CA GLY B 240 -2.19 9.44 44.13
C GLY B 240 -0.90 9.06 43.42
N VAL B 241 -0.93 9.07 42.09
CA VAL B 241 0.27 8.77 41.32
C VAL B 241 1.15 10.02 41.00
N LEU B 242 0.74 11.25 41.26
CA LEU B 242 1.66 12.26 40.79
C LEU B 242 2.99 12.24 41.49
N SER B 243 3.07 11.62 42.62
CA SER B 243 4.32 11.70 43.34
C SER B 243 5.26 10.70 42.71
N LEU B 244 4.75 9.55 42.35
CA LEU B 244 5.43 8.66 41.41
C LEU B 244 6.21 9.30 40.25
N LEU B 245 5.62 10.11 39.40
CA LEU B 245 6.29 10.71 38.21
C LEU B 245 6.54 12.03 38.90
N THR B 246 7.53 12.83 38.62
CA THR B 246 8.07 13.59 39.81
C THR B 246 7.33 14.93 40.06
O5' 3DR D 7 -12.70 5.71 -8.03
P 3DR D 7 -11.60 6.31 -6.96
OP1 3DR D 7 -11.03 5.20 -6.16
OP2 3DR D 7 -10.80 7.18 -7.89
C2' 3DR D 7 -16.29 4.76 -4.89
C5' 3DR D 7 -14.02 4.96 -7.78
C4' 3DR D 7 -14.51 5.02 -6.33
O4' 3DR D 7 -15.36 6.25 -6.33
C1' 3DR D 7 -16.64 5.87 -5.89
C3' 3DR D 7 -15.37 3.87 -5.77
O3' 3DR D 7 -14.70 2.68 -5.01
N1 HMU E . -5.58 -1.74 -25.25
C2 HMU E . -4.73 -0.82 -24.56
O2 HMU E . -5.26 0.24 -23.87
N3 HMU E . -3.34 -1.17 -24.72
C4 HMU E . -2.86 -2.31 -25.43
O3 HMU E . -2.40 -5.31 -26.33
O4 HMU E . -1.65 -2.66 -25.52
C5 HMU E . -3.82 -3.25 -26.11
CM5 HMU E . -3.42 -4.54 -26.90
C6 HMU E . -5.20 -2.86 -26.00
N1 HMU F . -9.91 -7.44 -29.07
C2 HMU F . -10.73 -8.31 -29.65
O2 HMU F . -10.59 -8.38 -30.87
N3 HMU F . -11.68 -9.05 -28.94
C4 HMU F . -11.83 -8.94 -27.56
O3 HMU F . -10.76 -8.58 -24.45
O4 HMU F . -12.71 -9.65 -26.97
C5 HMU F . -10.86 -7.95 -26.88
CM5 HMU F . -10.77 -7.53 -25.40
C6 HMU F . -9.95 -7.26 -27.72
C1 GOL G . -9.65 -3.59 -22.78
O1 GOL G . -11.06 -3.48 -23.29
C2 GOL G . -8.32 -3.00 -23.57
O2 GOL G . -8.82 -4.92 -25.05
C3 GOL G . -7.87 -3.88 -24.80
O3 GOL G . -7.08 -2.56 -22.84
C1 IPA H . 3.54 4.54 -10.88
C1 IPA H . 3.53 4.53 -10.84
C2 IPA H . 4.79 5.29 -10.34
C2 IPA H . 4.79 5.28 -10.33
C3 IPA H . 5.08 4.17 -9.25
C3 IPA H . 5.09 4.18 -9.25
O2 IPA H . 5.10 5.31 -11.82
O2 IPA H . 4.95 6.30 -9.22
#